data_2H57
#
_entry.id   2H57
#
_cell.length_a   80.058
_cell.length_b   134.885
_cell.length_c   63.884
_cell.angle_alpha   90.00
_cell.angle_beta   90.00
_cell.angle_gamma   90.00
#
_symmetry.space_group_name_H-M   'P 21 21 2'
#
loop_
_entity.id
_entity.type
_entity.pdbx_description
1 polymer 'ADP-ribosylation factor-like protein 6'
2 non-polymer 'MAGNESIUM ION'
3 non-polymer "GUANOSINE-5'-TRIPHOSPHATE"
4 non-polymer 'UNKNOWN ATOM OR ION'
5 water water
#
_entity_poly.entity_id   1
_entity_poly.type   'polypeptide(L)'
_entity_poly.pdbx_seq_one_letter_code
;MGSSHHHHHHSSGLVPRGSKEVHVLCLGLDNSGKTTIINKLKPSNAQSQNILPTIGFSIEKFKSSSLSFTVFDMSGQGRY
RNLWEHYYKEGQAIIFVIDSSDRLRMVVAKEELDTLLNHPDIKHRRIPILFFANKMDLRDAVTSVKVSQLLCLENIKDKP
WHICASDAIKGEGLQEGVDWLQDQIQTVKT
;
_entity_poly.pdbx_strand_id   A,B,C
#
# COMPACT_ATOMS: atom_id res chain seq x y z
N GLU A 21 -11.54 -15.48 -21.81
CA GLU A 21 -11.66 -16.84 -21.20
C GLU A 21 -11.31 -16.92 -19.69
N VAL A 22 -10.79 -15.84 -19.07
CA VAL A 22 -10.25 -15.91 -17.68
C VAL A 22 -10.87 -14.93 -16.67
N HIS A 23 -11.62 -15.48 -15.72
CA HIS A 23 -12.33 -14.72 -14.70
C HIS A 23 -11.51 -14.54 -13.41
N VAL A 24 -11.26 -13.26 -13.08
CA VAL A 24 -10.39 -12.85 -11.97
C VAL A 24 -11.18 -12.04 -10.94
N LEU A 25 -10.94 -12.28 -9.67
CA LEU A 25 -11.48 -11.44 -8.60
C LEU A 25 -10.38 -10.54 -8.09
N CYS A 26 -10.68 -9.25 -8.01
CA CYS A 26 -9.75 -8.27 -7.45
C CYS A 26 -10.24 -7.84 -6.11
N LEU A 27 -9.46 -8.22 -5.09
CA LEU A 27 -9.79 -8.06 -3.68
C LEU A 27 -8.66 -7.29 -2.95
N GLY A 28 -9.01 -6.74 -1.79
CA GLY A 28 -8.14 -5.90 -1.01
C GLY A 28 -8.94 -4.80 -0.37
N LEU A 29 -8.39 -4.17 0.63
CA LEU A 29 -9.10 -3.13 1.30
C LEU A 29 -9.28 -1.93 0.40
N ASP A 30 -10.21 -1.08 0.79
CA ASP A 30 -10.43 0.20 0.16
C ASP A 30 -9.14 1.02 0.25
N ASN A 31 -8.91 1.83 -0.78
CA ASN A 31 -7.69 2.65 -0.86
C ASN A 31 -6.40 1.85 -1.10
N SER A 32 -6.49 0.58 -1.46
CA SER A 32 -5.28 -0.21 -1.72
C SER A 32 -4.72 0.05 -3.14
N GLY A 33 -5.60 0.40 -4.10
CA GLY A 33 -5.22 0.64 -5.50
C GLY A 33 -5.76 -0.33 -6.54
N LYS A 34 -6.75 -1.14 -6.14
CA LYS A 34 -7.32 -2.17 -7.01
C LYS A 34 -7.79 -1.65 -8.34
N THR A 35 -8.64 -0.65 -8.32
CA THR A 35 -9.24 -0.11 -9.56
C THR A 35 -8.15 0.63 -10.41
N THR A 36 -7.25 1.33 -9.74
CA THR A 36 -6.07 1.94 -10.42
C THR A 36 -5.24 0.89 -11.18
N ILE A 37 -4.96 -0.24 -10.55
CA ILE A 37 -4.22 -1.32 -11.17
C ILE A 37 -4.95 -1.93 -12.37
N ILE A 38 -6.25 -2.20 -12.21
CA ILE A 38 -7.04 -2.81 -13.26
CA ILE A 38 -6.99 -2.85 -13.30
C ILE A 38 -7.09 -1.86 -14.46
N ASN A 39 -7.32 -0.56 -14.16
CA ASN A 39 -7.35 0.48 -15.20
C ASN A 39 -6.05 0.52 -16.04
N LYS A 40 -4.92 0.37 -15.36
CA LYS A 40 -3.59 0.45 -15.99
C LYS A 40 -3.31 -0.74 -16.91
N LEU A 41 -3.96 -1.86 -16.63
CA LEU A 41 -3.85 -3.05 -17.46
C LEU A 41 -4.63 -2.92 -18.78
N LYS A 42 -5.51 -1.92 -18.86
CA LYS A 42 -6.32 -1.66 -20.07
C LYS A 42 -5.54 -0.93 -21.15
N PRO A 43 -5.97 -1.07 -22.42
CA PRO A 43 -5.44 -0.24 -23.51
C PRO A 43 -5.59 1.24 -23.20
N SER A 44 -4.65 2.05 -23.65
CA SER A 44 -4.64 3.49 -23.36
C SER A 44 -6.01 4.16 -23.58
N ASN A 45 -6.63 3.87 -24.73
CA ASN A 45 -7.96 4.40 -25.13
C ASN A 45 -9.09 4.07 -24.15
N ALA A 46 -8.96 2.92 -23.46
CA ALA A 46 -9.99 2.40 -22.54
C ALA A 46 -9.83 2.85 -21.09
N GLN A 47 -8.75 3.56 -20.76
CA GLN A 47 -8.42 3.91 -19.37
C GLN A 47 -9.18 5.12 -18.79
N SER A 48 -9.63 4.98 -17.55
CA SER A 48 -10.30 6.07 -16.84
C SER A 48 -9.27 7.03 -16.26
N GLN A 49 -9.61 8.31 -16.26
CA GLN A 49 -8.72 9.36 -15.77
C GLN A 49 -9.06 9.86 -14.36
N ASN A 50 -10.32 9.69 -13.93
CA ASN A 50 -10.73 9.99 -12.55
C ASN A 50 -11.33 8.75 -11.86
N ILE A 51 -10.50 8.07 -11.08
CA ILE A 51 -10.90 6.83 -10.40
C ILE A 51 -11.38 7.19 -9.02
N LEU A 52 -12.66 6.85 -8.75
CA LEU A 52 -13.31 7.10 -7.50
C LEU A 52 -13.54 5.74 -6.77
N PRO A 53 -13.74 5.78 -5.45
CA PRO A 53 -14.05 4.54 -4.72
C PRO A 53 -15.13 3.75 -5.49
N THR A 54 -14.93 2.45 -5.60
CA THR A 54 -15.85 1.59 -6.26
C THR A 54 -17.15 1.46 -5.45
N ILE A 55 -18.29 1.59 -6.13
CA ILE A 55 -19.60 1.50 -5.49
C ILE A 55 -20.07 0.07 -5.65
N GLY A 56 -19.91 -0.70 -4.59
CA GLY A 56 -20.17 -2.13 -4.63
C GLY A 56 -19.12 -2.98 -5.34
N PHE A 57 -19.24 -3.04 -6.66
CA PHE A 57 -18.20 -3.57 -7.50
C PHE A 57 -18.43 -3.12 -8.95
N SER A 58 -17.44 -3.42 -9.83
CA SER A 58 -17.53 -3.19 -11.28
C SER A 58 -17.04 -4.44 -11.94
N ILE A 59 -17.38 -4.62 -13.20
CA ILE A 59 -16.79 -5.68 -14.04
C ILE A 59 -16.00 -5.00 -15.18
N GLU A 60 -14.72 -5.33 -15.28
CA GLU A 60 -13.87 -4.75 -16.32
C GLU A 60 -13.29 -5.83 -17.17
N LYS A 61 -12.90 -5.45 -18.36
CA LYS A 61 -12.07 -6.30 -19.19
C LYS A 61 -10.69 -5.63 -19.48
N PHE A 62 -9.65 -6.46 -19.50
CA PHE A 62 -8.30 -6.10 -19.97
C PHE A 62 -7.75 -7.26 -20.86
N LYS A 63 -6.56 -7.06 -21.42
CA LYS A 63 -5.89 -8.10 -22.24
C LYS A 63 -4.37 -8.12 -22.02
N SER A 64 -3.82 -9.32 -21.95
CA SER A 64 -2.37 -9.54 -21.74
C SER A 64 -1.73 -9.93 -23.07
N SER A 65 -0.62 -10.68 -23.01
CA SER A 65 0.07 -11.13 -24.22
C SER A 65 -0.87 -11.97 -25.10
N SER A 66 -1.53 -12.95 -24.50
CA SER A 66 -2.47 -13.83 -25.22
C SER A 66 -3.64 -14.29 -24.35
N LEU A 67 -4.00 -13.48 -23.36
CA LEU A 67 -5.05 -13.81 -22.41
C LEU A 67 -6.05 -12.67 -22.29
N SER A 68 -7.34 -13.02 -22.29
CA SER A 68 -8.44 -12.08 -22.18
C SER A 68 -9.08 -12.16 -20.77
N PHE A 69 -9.20 -11.03 -20.09
CA PHE A 69 -9.63 -11.02 -18.68
C PHE A 69 -11.00 -10.43 -18.49
N THR A 70 -11.77 -11.06 -17.60
CA THR A 70 -12.96 -10.46 -16.99
C THR A 70 -12.67 -10.29 -15.50
N VAL A 71 -12.72 -9.07 -15.01
CA VAL A 71 -12.32 -8.83 -13.64
C VAL A 71 -13.51 -8.34 -12.88
N PHE A 72 -13.83 -9.05 -11.81
CA PHE A 72 -14.70 -8.53 -10.78
C PHE A 72 -13.92 -7.64 -9.79
N ASP A 73 -14.02 -6.35 -10.03
CA ASP A 73 -13.31 -5.37 -9.26
C ASP A 73 -14.18 -4.92 -8.13
N MET A 74 -13.92 -5.47 -6.94
CA MET A 74 -14.79 -5.22 -5.81
CA MET A 74 -14.78 -5.25 -5.80
C MET A 74 -14.36 -4.00 -5.06
N SER A 75 -15.35 -3.36 -4.44
CA SER A 75 -15.07 -2.37 -3.45
C SER A 75 -14.49 -3.12 -2.26
N GLY A 76 -13.47 -2.53 -1.63
CA GLY A 76 -12.92 -3.09 -0.39
C GLY A 76 -13.37 -2.38 0.87
N GLN A 77 -14.31 -1.42 0.76
CA GLN A 77 -14.85 -0.78 1.96
C GLN A 77 -15.60 -1.82 2.80
N GLY A 78 -15.53 -1.65 4.13
CA GLY A 78 -16.26 -2.46 5.09
C GLY A 78 -17.73 -2.63 4.76
N ARG A 79 -18.36 -1.56 4.29
CA ARG A 79 -19.74 -1.58 3.88
C ARG A 79 -20.09 -2.65 2.82
N TYR A 80 -19.16 -2.93 1.90
CA TYR A 80 -19.36 -3.81 0.72
C TYR A 80 -18.57 -5.11 0.74
N ARG A 81 -17.75 -5.36 1.76
CA ARG A 81 -16.96 -6.60 1.79
C ARG A 81 -17.82 -7.86 1.86
N ASN A 82 -19.05 -7.70 2.37
CA ASN A 82 -20.06 -8.77 2.34
C ASN A 82 -20.35 -9.34 0.94
N LEU A 83 -20.10 -8.54 -0.09
CA LEU A 83 -20.35 -8.94 -1.47
C LEU A 83 -19.34 -9.89 -2.04
N TRP A 84 -18.09 -9.86 -1.51
CA TRP A 84 -17.02 -10.63 -2.09
C TRP A 84 -17.37 -12.08 -2.34
N GLU A 85 -17.92 -12.74 -1.32
CA GLU A 85 -18.14 -14.17 -1.33
C GLU A 85 -19.19 -14.62 -2.35
N HIS A 86 -20.04 -13.68 -2.75
CA HIS A 86 -21.05 -13.92 -3.78
C HIS A 86 -20.43 -14.24 -5.12
N TYR A 87 -19.17 -13.83 -5.32
CA TYR A 87 -18.52 -13.93 -6.63
C TYR A 87 -17.38 -14.95 -6.64
N TYR A 88 -17.19 -15.66 -5.51
CA TYR A 88 -16.06 -16.58 -5.34
C TYR A 88 -16.11 -17.74 -6.30
N LYS A 89 -17.31 -18.28 -6.55
CA LYS A 89 -17.47 -19.38 -7.50
C LYS A 89 -17.07 -19.01 -8.94
N GLU A 90 -16.88 -17.73 -9.26
CA GLU A 90 -16.22 -17.43 -10.54
C GLU A 90 -14.91 -16.66 -10.49
N GLY A 91 -14.17 -16.84 -9.42
CA GLY A 91 -12.78 -16.47 -9.43
C GLY A 91 -12.01 -17.70 -9.89
N GLN A 92 -11.52 -17.67 -11.13
CA GLN A 92 -10.52 -18.64 -11.56
C GLN A 92 -9.10 -18.22 -11.12
N ALA A 93 -8.92 -16.94 -10.81
CA ALA A 93 -7.69 -16.42 -10.28
C ALA A 93 -8.06 -15.25 -9.39
N ILE A 94 -7.22 -14.98 -8.40
CA ILE A 94 -7.41 -13.79 -7.53
C ILE A 94 -6.20 -12.85 -7.60
N ILE A 95 -6.48 -11.55 -7.69
CA ILE A 95 -5.49 -10.49 -7.51
C ILE A 95 -5.84 -9.79 -6.20
N PHE A 96 -4.96 -9.92 -5.21
CA PHE A 96 -5.15 -9.32 -3.88
C PHE A 96 -4.16 -8.21 -3.71
N VAL A 97 -4.67 -7.02 -3.41
CA VAL A 97 -3.91 -5.81 -3.40
C VAL A 97 -3.77 -5.27 -1.97
N ILE A 98 -2.55 -4.89 -1.64
CA ILE A 98 -2.18 -4.35 -0.33
C ILE A 98 -1.62 -2.96 -0.48
N ASP A 99 -2.10 -2.02 0.34
CA ASP A 99 -1.45 -0.74 0.47
C ASP A 99 -0.16 -0.96 1.31
N SER A 100 0.99 -1.01 0.64
CA SER A 100 2.33 -1.21 1.27
C SER A 100 2.70 -0.18 2.30
N SER A 101 2.12 1.00 2.20
CA SER A 101 2.45 2.13 3.08
C SER A 101 1.61 2.19 4.35
N ASP A 102 0.68 1.24 4.54
CA ASP A 102 -0.27 1.30 5.68
C ASP A 102 -0.22 0.05 6.54
N ARG A 103 0.70 0.02 7.49
CA ARG A 103 0.95 -1.21 8.27
C ARG A 103 -0.24 -1.50 9.22
N LEU A 104 -0.84 -0.45 9.73
CA LEU A 104 -1.90 -0.59 10.67
C LEU A 104 -3.09 -1.26 10.02
N ARG A 105 -3.51 -0.74 8.87
CA ARG A 105 -4.65 -1.34 8.15
C ARG A 105 -4.27 -2.69 7.59
N MET A 106 -2.98 -2.99 7.49
CA MET A 106 -2.57 -4.29 6.98
C MET A 106 -3.00 -5.41 7.89
N VAL A 107 -3.25 -5.11 9.16
CA VAL A 107 -3.81 -6.12 10.08
C VAL A 107 -5.22 -6.56 9.65
N VAL A 108 -6.01 -5.59 9.19
CA VAL A 108 -7.36 -5.86 8.68
C VAL A 108 -7.30 -6.65 7.37
N ALA A 109 -6.39 -6.24 6.49
CA ALA A 109 -6.14 -6.96 5.24
C ALA A 109 -5.83 -8.45 5.48
N LYS A 110 -5.00 -8.72 6.48
CA LYS A 110 -4.57 -10.10 6.74
C LYS A 110 -5.79 -10.92 7.23
N GLU A 111 -6.58 -10.31 8.09
CA GLU A 111 -7.85 -10.94 8.57
C GLU A 111 -8.75 -11.35 7.42
N GLU A 112 -8.89 -10.46 6.43
CA GLU A 112 -9.74 -10.72 5.29
C GLU A 112 -9.18 -11.76 4.35
N LEU A 113 -7.86 -11.70 4.13
CA LEU A 113 -7.15 -12.73 3.38
C LEU A 113 -7.36 -14.13 4.00
N ASP A 114 -7.21 -14.23 5.30
CA ASP A 114 -7.37 -15.50 6.03
C ASP A 114 -8.79 -16.03 5.92
N THR A 115 -9.78 -15.14 6.00
CA THR A 115 -11.20 -15.51 5.77
C THR A 115 -11.42 -15.97 4.35
N LEU A 116 -10.91 -15.20 3.39
CA LEU A 116 -10.95 -15.62 1.98
C LEU A 116 -10.40 -17.02 1.76
N LEU A 117 -9.20 -17.24 2.27
CA LEU A 117 -8.48 -18.49 2.01
C LEU A 117 -9.17 -19.71 2.65
N ASN A 118 -9.90 -19.48 3.73
CA ASN A 118 -10.60 -20.56 4.44
CA ASN A 118 -10.61 -20.57 4.44
C ASN A 118 -12.09 -20.71 4.01
N HIS A 119 -12.56 -19.84 3.13
CA HIS A 119 -13.96 -19.89 2.67
C HIS A 119 -14.24 -21.17 1.89
N PRO A 120 -15.41 -21.83 2.15
CA PRO A 120 -15.81 -23.08 1.46
C PRO A 120 -15.62 -23.11 -0.04
N ASP A 121 -15.85 -21.97 -0.71
CA ASP A 121 -15.75 -21.89 -2.19
C ASP A 121 -14.35 -21.56 -2.70
N ILE A 122 -13.41 -21.42 -1.78
CA ILE A 122 -12.00 -21.09 -2.09
C ILE A 122 -11.03 -22.17 -1.61
N LYS A 123 -11.24 -22.66 -0.39
CA LYS A 123 -10.27 -23.56 0.30
C LYS A 123 -9.82 -24.82 -0.47
N HIS A 124 -10.67 -25.36 -1.35
CA HIS A 124 -10.33 -26.64 -2.03
C HIS A 124 -10.07 -26.52 -3.54
N ARG A 125 -9.91 -25.30 -4.01
CA ARG A 125 -9.57 -25.07 -5.40
C ARG A 125 -8.14 -24.53 -5.49
N ARG A 126 -7.32 -25.09 -6.39
CA ARG A 126 -5.94 -24.61 -6.59
C ARG A 126 -6.03 -23.35 -7.46
N ILE A 127 -6.52 -22.26 -6.89
CA ILE A 127 -6.65 -21.04 -7.69
C ILE A 127 -5.42 -20.16 -7.42
N PRO A 128 -4.78 -19.64 -8.48
CA PRO A 128 -3.63 -18.76 -8.34
C PRO A 128 -3.96 -17.40 -7.74
N ILE A 129 -3.21 -17.01 -6.71
CA ILE A 129 -3.33 -15.67 -6.12
C ILE A 129 -2.09 -14.83 -6.43
N LEU A 130 -2.30 -13.74 -7.16
CA LEU A 130 -1.32 -12.70 -7.35
C LEU A 130 -1.52 -11.60 -6.36
N PHE A 131 -0.49 -11.39 -5.52
CA PHE A 131 -0.47 -10.23 -4.65
C PHE A 131 0.29 -9.05 -5.22
N PHE A 132 -0.24 -7.83 -4.99
CA PHE A 132 0.48 -6.63 -5.28
C PHE A 132 0.71 -5.87 -4.00
N ALA A 133 1.99 -5.62 -3.70
CA ALA A 133 2.38 -4.75 -2.60
C ALA A 133 2.47 -3.38 -3.23
N ASN A 134 1.32 -2.72 -3.27
CA ASN A 134 1.13 -1.56 -4.04
C ASN A 134 1.46 -0.31 -3.25
N LYS A 135 1.48 0.81 -3.93
CA LYS A 135 1.89 2.07 -3.39
C LYS A 135 3.39 2.00 -2.92
N MET A 136 4.19 1.21 -3.64
CA MET A 136 5.65 1.11 -3.40
C MET A 136 6.40 2.47 -3.44
N ASP A 137 5.82 3.43 -4.14
CA ASP A 137 6.40 4.77 -4.31
C ASP A 137 6.31 5.68 -3.09
N LEU A 138 5.44 5.35 -2.14
CA LEU A 138 5.22 6.20 -0.98
C LEU A 138 6.37 6.00 0.05
N ARG A 139 6.70 7.07 0.79
CA ARG A 139 7.86 7.07 1.72
C ARG A 139 7.75 5.98 2.79
N ASP A 140 6.54 5.80 3.30
CA ASP A 140 6.28 4.82 4.36
C ASP A 140 6.14 3.37 3.88
N ALA A 141 6.37 3.12 2.58
CA ALA A 141 6.08 1.82 1.96
C ALA A 141 7.02 0.71 2.39
N VAL A 142 6.40 -0.44 2.66
CA VAL A 142 7.05 -1.70 3.04
C VAL A 142 7.38 -2.43 1.73
N THR A 143 8.46 -3.21 1.70
CA THR A 143 8.82 -3.92 0.49
C THR A 143 7.95 -5.14 0.29
N SER A 144 7.96 -5.70 -0.91
CA SER A 144 7.12 -6.86 -1.20
C SER A 144 7.54 -8.09 -0.33
N VAL A 145 8.86 -8.24 -0.13
CA VAL A 145 9.41 -9.19 0.85
C VAL A 145 8.89 -8.96 2.28
N LYS A 146 8.86 -7.71 2.73
CA LYS A 146 8.38 -7.43 4.05
C LYS A 146 6.87 -7.76 4.15
N VAL A 147 6.12 -7.43 3.08
CA VAL A 147 4.65 -7.67 3.04
C VAL A 147 4.36 -9.13 3.09
N SER A 148 5.11 -9.92 2.33
CA SER A 148 4.97 -11.35 2.34
C SER A 148 5.19 -11.96 3.75
N GLN A 149 6.18 -11.41 4.47
CA GLN A 149 6.46 -11.81 5.85
C GLN A 149 5.29 -11.40 6.77
N LEU A 150 4.89 -10.15 6.70
CA LEU A 150 3.82 -9.66 7.53
C LEU A 150 2.46 -10.41 7.34
N LEU A 151 2.14 -10.79 6.10
CA LEU A 151 0.88 -11.50 5.77
C LEU A 151 1.01 -13.01 5.89
N CYS A 152 2.24 -13.48 6.09
CA CYS A 152 2.55 -14.91 6.27
C CYS A 152 2.21 -15.73 5.06
N LEU A 153 2.53 -15.20 3.87
CA LEU A 153 2.18 -15.82 2.59
C LEU A 153 2.84 -17.18 2.37
N GLU A 154 3.97 -17.38 3.05
CA GLU A 154 4.70 -18.65 3.07
CA GLU A 154 4.65 -18.67 2.94
C GLU A 154 3.78 -19.79 3.50
N ASN A 155 2.79 -19.46 4.34
CA ASN A 155 1.81 -20.44 4.82
C ASN A 155 0.79 -20.92 3.76
N ILE A 156 0.71 -20.25 2.61
CA ILE A 156 -0.16 -20.68 1.52
C ILE A 156 0.55 -21.82 0.77
N LYS A 157 0.10 -23.05 1.03
CA LYS A 157 0.78 -24.25 0.51
C LYS A 157 0.05 -24.92 -0.65
N ASP A 158 -1.28 -24.83 -0.66
CA ASP A 158 -2.09 -25.58 -1.64
C ASP A 158 -2.56 -24.73 -2.84
N LYS A 159 -2.05 -23.51 -2.96
CA LYS A 159 -2.36 -22.64 -4.10
C LYS A 159 -1.08 -22.00 -4.59
N PRO A 160 -0.94 -21.84 -5.92
CA PRO A 160 0.20 -21.08 -6.38
C PRO A 160 -0.03 -19.60 -6.10
N TRP A 161 1.02 -18.93 -5.63
CA TRP A 161 0.97 -17.51 -5.40
C TRP A 161 2.27 -16.82 -5.80
N HIS A 162 2.17 -15.49 -5.93
CA HIS A 162 3.30 -14.64 -6.24
C HIS A 162 3.04 -13.28 -5.66
N ILE A 163 4.08 -12.58 -5.23
CA ILE A 163 3.93 -11.15 -4.80
C ILE A 163 4.86 -10.17 -5.58
N CYS A 164 4.34 -9.00 -5.94
CA CYS A 164 5.09 -7.92 -6.66
C CYS A 164 4.91 -6.67 -5.95
N ALA A 165 5.96 -5.85 -5.94
CA ALA A 165 5.82 -4.45 -5.58
C ALA A 165 5.26 -3.72 -6.81
N SER A 166 4.43 -2.70 -6.56
CA SER A 166 3.84 -1.96 -7.66
C SER A 166 3.60 -0.52 -7.28
N ASP A 167 3.73 0.33 -8.27
CA ASP A 167 3.32 1.69 -8.22
C ASP A 167 2.30 1.77 -9.35
N ALA A 168 1.03 1.77 -9.01
CA ALA A 168 -0.04 1.61 -10.02
C ALA A 168 -0.28 2.88 -10.82
N ILE A 169 0.13 4.03 -10.30
CA ILE A 169 0.00 5.27 -11.03
CA ILE A 169 0.01 5.28 -11.03
C ILE A 169 0.98 5.26 -12.21
N LYS A 170 2.20 4.84 -11.94
CA LYS A 170 3.25 4.74 -12.94
C LYS A 170 3.10 3.50 -13.79
N GLY A 171 2.62 2.43 -13.18
CA GLY A 171 2.50 1.09 -13.83
C GLY A 171 3.63 0.12 -13.53
N GLU A 172 4.56 0.55 -12.69
CA GLU A 172 5.71 -0.26 -12.33
C GLU A 172 5.31 -1.52 -11.55
N GLY A 173 5.86 -2.69 -11.92
CA GLY A 173 5.54 -3.94 -11.30
C GLY A 173 4.37 -4.76 -11.87
N LEU A 174 3.47 -4.10 -12.57
CA LEU A 174 2.24 -4.77 -13.09
C LEU A 174 2.53 -5.82 -14.16
N GLN A 175 3.49 -5.53 -15.03
CA GLN A 175 3.91 -6.48 -16.05
C GLN A 175 4.34 -7.83 -15.52
N GLU A 176 5.15 -7.84 -14.46
CA GLU A 176 5.60 -9.09 -13.81
C GLU A 176 4.44 -9.92 -13.25
N GLY A 177 3.49 -9.25 -12.60
CA GLY A 177 2.30 -9.95 -12.12
C GLY A 177 1.47 -10.57 -13.22
N VAL A 178 1.13 -9.77 -14.22
CA VAL A 178 0.37 -10.25 -15.38
C VAL A 178 1.09 -11.41 -16.06
N ASP A 179 2.42 -11.31 -16.18
CA ASP A 179 3.23 -12.38 -16.77
C ASP A 179 3.17 -13.64 -15.91
N TRP A 180 3.23 -13.48 -14.59
CA TRP A 180 3.12 -14.64 -13.69
C TRP A 180 1.73 -15.28 -13.79
N LEU A 181 0.70 -14.43 -13.82
CA LEU A 181 -0.69 -14.88 -13.89
C LEU A 181 -0.92 -15.70 -15.17
N GLN A 182 -0.49 -15.14 -16.30
CA GLN A 182 -0.59 -15.81 -17.61
C GLN A 182 0.07 -17.19 -17.63
N ASP A 183 1.24 -17.32 -17.01
CA ASP A 183 1.92 -18.62 -16.90
C ASP A 183 1.06 -19.62 -16.14
N GLN A 184 0.47 -19.20 -15.04
CA GLN A 184 -0.40 -20.08 -14.23
C GLN A 184 -1.63 -20.58 -15.00
N ILE A 185 -2.09 -19.80 -15.96
CA ILE A 185 -3.26 -20.13 -16.79
C ILE A 185 -2.82 -20.67 -18.17
N LYS B 20 25.21 -11.29 9.32
CA LYS B 20 26.10 -12.15 8.47
C LYS B 20 26.74 -11.35 7.30
N GLU B 21 27.98 -11.71 6.94
CA GLU B 21 28.77 -10.97 5.93
C GLU B 21 28.64 -11.54 4.51
N VAL B 22 28.38 -10.63 3.55
CA VAL B 22 28.30 -11.02 2.14
C VAL B 22 29.10 -10.06 1.27
N HIS B 23 29.93 -10.60 0.37
CA HIS B 23 30.72 -9.77 -0.55
C HIS B 23 29.97 -9.62 -1.88
N VAL B 24 29.71 -8.37 -2.25
CA VAL B 24 28.92 -8.01 -3.41
CA VAL B 24 28.95 -8.07 -3.44
C VAL B 24 29.71 -7.09 -4.35
N LEU B 25 29.56 -7.28 -5.65
CA LEU B 25 30.18 -6.40 -6.65
C LEU B 25 29.14 -5.44 -7.19
N CYS B 26 29.45 -4.15 -7.15
CA CYS B 26 28.59 -3.14 -7.77
C CYS B 26 29.24 -2.70 -9.09
N LEU B 27 28.58 -3.07 -10.19
CA LEU B 27 29.10 -2.93 -11.55
C LEU B 27 28.12 -2.16 -12.42
N GLY B 28 28.59 -1.71 -13.57
CA GLY B 28 27.81 -0.88 -14.50
C GLY B 28 28.72 0.19 -15.07
N LEU B 29 28.25 0.86 -16.10
CA LEU B 29 29.05 1.83 -16.77
C LEU B 29 29.18 3.05 -15.87
N ASP B 30 30.10 3.90 -16.25
CA ASP B 30 30.39 5.11 -15.50
C ASP B 30 29.19 6.01 -15.55
N ASN B 31 29.01 6.79 -14.48
CA ASN B 31 27.94 7.76 -14.39
C ASN B 31 26.52 7.16 -14.23
N SER B 32 26.44 5.84 -14.01
CA SER B 32 25.15 5.12 -13.92
C SER B 32 24.45 5.28 -12.55
N GLY B 33 25.25 5.53 -11.51
CA GLY B 33 24.76 5.88 -10.18
C GLY B 33 25.10 4.89 -9.06
N LYS B 34 26.04 3.99 -9.35
CA LYS B 34 26.51 2.96 -8.44
C LYS B 34 26.86 3.48 -7.06
N THR B 35 27.74 4.49 -7.03
CA THR B 35 28.25 4.97 -5.77
C THR B 35 27.16 5.70 -5.02
N THR B 36 26.33 6.43 -5.76
CA THR B 36 25.13 7.07 -5.16
C THR B 36 24.16 6.07 -4.53
N ILE B 37 23.91 4.96 -5.22
CA ILE B 37 23.05 3.92 -4.66
C ILE B 37 23.61 3.31 -3.38
N ILE B 38 24.86 2.89 -3.43
CA ILE B 38 25.49 2.21 -2.27
C ILE B 38 25.50 3.18 -1.07
N ASN B 39 25.80 4.42 -1.34
CA ASN B 39 25.74 5.47 -0.31
C ASN B 39 24.36 5.62 0.34
N LYS B 40 23.32 5.73 -0.49
CA LYS B 40 21.94 5.95 -0.02
C LYS B 40 21.43 4.77 0.83
N LEU B 41 22.03 3.59 0.64
CA LEU B 41 21.76 2.42 1.47
C LEU B 41 22.43 2.42 2.85
N LYS B 42 23.35 3.35 3.09
CA LYS B 42 23.98 3.53 4.41
C LYS B 42 23.06 4.34 5.33
N PRO B 43 23.29 4.25 6.66
CA PRO B 43 22.63 5.13 7.62
C PRO B 43 22.89 6.59 7.30
N SER B 44 21.88 7.44 7.48
CA SER B 44 21.98 8.87 7.13
C SER B 44 23.24 9.54 7.63
N ASN B 45 23.74 9.08 8.78
CA ASN B 45 24.92 9.67 9.43
C ASN B 45 26.26 9.15 8.88
N ALA B 46 26.22 8.00 8.18
CA ALA B 46 27.40 7.46 7.46
C ALA B 46 27.46 7.87 5.95
N GLN B 47 26.41 8.53 5.46
CA GLN B 47 26.28 8.83 4.03
C GLN B 47 27.19 9.98 3.59
N SER B 48 27.94 9.73 2.52
CA SER B 48 28.79 10.72 1.87
C SER B 48 27.93 11.85 1.27
N GLN B 49 28.37 13.09 1.45
CA GLN B 49 27.64 14.26 0.93
C GLN B 49 28.23 14.81 -0.38
N ASN B 50 29.50 14.48 -0.65
CA ASN B 50 30.13 14.83 -1.91
C ASN B 50 30.65 13.58 -2.62
N ILE B 51 29.80 13.00 -3.49
CA ILE B 51 30.15 11.80 -4.25
C ILE B 51 30.82 12.21 -5.56
N LEU B 52 31.94 11.56 -5.86
CA LEU B 52 32.71 11.85 -7.04
C LEU B 52 32.94 10.53 -7.78
N PRO B 53 33.27 10.61 -9.08
CA PRO B 53 33.60 9.43 -9.86
C PRO B 53 34.63 8.55 -9.19
N THR B 54 34.35 7.25 -9.14
CA THR B 54 35.18 6.34 -8.41
C THR B 54 36.51 6.12 -9.17
N ILE B 55 37.61 6.10 -8.44
CA ILE B 55 38.95 5.85 -9.02
C ILE B 55 39.30 4.40 -8.79
N GLY B 56 39.25 3.60 -9.86
CA GLY B 56 39.50 2.20 -9.73
C GLY B 56 38.29 1.52 -9.08
N PHE B 57 38.33 1.41 -7.76
CA PHE B 57 37.21 0.90 -6.95
C PHE B 57 37.33 1.39 -5.50
N SER B 58 36.23 1.30 -4.77
CA SER B 58 36.22 1.52 -3.33
C SER B 58 35.50 0.40 -2.64
N ILE B 59 35.94 0.09 -1.43
CA ILE B 59 35.23 -0.85 -0.61
C ILE B 59 34.25 -0.10 0.29
N GLU B 60 32.97 -0.46 0.19
CA GLU B 60 31.94 0.18 0.99
C GLU B 60 31.19 -0.88 1.74
N LYS B 61 30.47 -0.43 2.75
CA LYS B 61 29.69 -1.31 3.60
C LYS B 61 28.31 -0.70 3.89
N PHE B 62 27.30 -1.57 3.87
CA PHE B 62 26.00 -1.25 4.43
C PHE B 62 25.36 -2.53 4.99
N LYS B 63 24.23 -2.35 5.67
CA LYS B 63 23.46 -3.44 6.26
C LYS B 63 22.05 -3.44 5.71
N SER B 64 21.54 -4.64 5.47
CA SER B 64 20.11 -4.85 5.31
C SER B 64 19.54 -5.35 6.67
N SER B 65 18.39 -6.01 6.62
CA SER B 65 17.65 -6.43 7.82
C SER B 65 18.46 -7.41 8.67
N SER B 66 19.03 -8.42 8.03
CA SER B 66 19.90 -9.36 8.73
C SER B 66 21.13 -9.75 7.91
N LEU B 67 21.63 -8.81 7.09
CA LEU B 67 22.92 -9.00 6.38
C LEU B 67 23.82 -7.77 6.49
N SER B 68 25.12 -8.04 6.49
CA SER B 68 26.18 -7.05 6.44
C SER B 68 26.89 -7.18 5.09
N PHE B 69 26.72 -6.18 4.25
CA PHE B 69 27.25 -6.22 2.90
C PHE B 69 28.62 -5.56 2.84
N THR B 70 29.58 -6.27 2.28
CA THR B 70 30.83 -5.63 1.84
C THR B 70 30.81 -5.47 0.30
N VAL B 71 30.80 -4.23 -0.17
CA VAL B 71 30.59 -3.94 -1.58
C VAL B 71 31.90 -3.48 -2.25
N PHE B 72 32.27 -4.14 -3.33
CA PHE B 72 33.29 -3.65 -4.26
C PHE B 72 32.60 -2.73 -5.23
N ASP B 73 32.65 -1.44 -4.92
CA ASP B 73 32.06 -0.42 -5.71
C ASP B 73 33.08 -0.08 -6.78
N MET B 74 32.86 -0.62 -7.98
CA MET B 74 33.80 -0.41 -9.06
C MET B 74 33.54 0.91 -9.82
N SER B 75 34.61 1.49 -10.37
CA SER B 75 34.46 2.51 -11.39
C SER B 75 33.88 1.85 -12.63
N GLY B 76 33.01 2.55 -13.32
CA GLY B 76 32.54 2.08 -14.63
C GLY B 76 33.30 2.64 -15.82
N GLN B 77 34.27 3.51 -15.59
CA GLN B 77 35.10 4.07 -16.68
C GLN B 77 35.79 2.94 -17.37
N GLY B 78 35.88 3.02 -18.69
CA GLY B 78 36.55 1.97 -19.51
C GLY B 78 37.95 1.60 -19.05
N ARG B 79 38.75 2.60 -18.70
CA ARG B 79 40.17 2.39 -18.26
C ARG B 79 40.28 1.53 -16.98
N TYR B 80 39.19 1.45 -16.22
CA TYR B 80 39.17 0.67 -14.99
C TYR B 80 38.35 -0.62 -15.02
N ARG B 81 37.66 -0.92 -16.13
CA ARG B 81 36.82 -2.12 -16.21
C ARG B 81 37.59 -3.41 -16.09
N ASN B 82 38.90 -3.37 -16.40
CA ASN B 82 39.82 -4.51 -16.22
C ASN B 82 39.84 -5.02 -14.77
N LEU B 83 39.68 -4.09 -13.84
CA LEU B 83 39.69 -4.41 -12.40
C LEU B 83 38.50 -5.24 -11.91
N TRP B 84 37.33 -5.13 -12.60
CA TRP B 84 36.12 -5.87 -12.23
C TRP B 84 36.40 -7.34 -11.99
N GLU B 85 37.03 -7.98 -12.97
CA GLU B 85 37.21 -9.42 -12.88
C GLU B 85 38.23 -9.91 -11.80
N HIS B 86 39.06 -9.00 -11.27
CA HIS B 86 39.91 -9.31 -10.11
C HIS B 86 39.09 -9.81 -8.93
N TYR B 87 37.83 -9.34 -8.82
CA TYR B 87 37.01 -9.63 -7.65
C TYR B 87 35.82 -10.56 -7.96
N TYR B 88 35.79 -11.16 -9.16
CA TYR B 88 34.70 -12.06 -9.53
C TYR B 88 34.59 -13.28 -8.65
N LYS B 89 35.74 -13.91 -8.34
CA LYS B 89 35.74 -15.12 -7.49
C LYS B 89 35.19 -14.88 -6.08
N GLU B 90 35.48 -13.73 -5.49
CA GLU B 90 34.99 -13.49 -4.14
C GLU B 90 33.60 -12.86 -4.05
N GLY B 91 33.03 -12.46 -5.20
CA GLY B 91 31.71 -11.86 -5.21
C GLY B 91 30.67 -12.94 -4.98
N GLN B 92 29.75 -12.71 -4.04
CA GLN B 92 28.64 -13.66 -3.79
C GLN B 92 27.29 -13.19 -4.39
N ALA B 93 27.32 -12.04 -5.05
CA ALA B 93 26.14 -11.40 -5.59
C ALA B 93 26.63 -10.21 -6.40
N ILE B 94 25.81 -9.75 -7.35
CA ILE B 94 26.16 -8.61 -8.25
C ILE B 94 24.99 -7.66 -8.23
N ILE B 95 25.31 -6.39 -7.98
CA ILE B 95 24.41 -5.29 -8.20
C ILE B 95 24.88 -4.57 -9.47
N PHE B 96 24.08 -4.67 -10.54
CA PHE B 96 24.44 -4.11 -11.85
C PHE B 96 23.53 -2.93 -12.13
N VAL B 97 24.14 -1.74 -12.21
CA VAL B 97 23.40 -0.48 -12.33
C VAL B 97 23.40 0.06 -13.75
N ILE B 98 22.20 0.43 -14.25
CA ILE B 98 21.99 0.95 -15.58
C ILE B 98 21.49 2.38 -15.44
N ASP B 99 22.07 3.31 -16.21
CA ASP B 99 21.51 4.63 -16.37
C ASP B 99 20.31 4.56 -17.32
N SER B 100 19.10 4.68 -16.76
CA SER B 100 17.86 4.48 -17.54
C SER B 100 17.69 5.51 -18.60
N SER B 101 18.28 6.67 -18.38
CA SER B 101 18.10 7.79 -19.26
C SER B 101 19.01 7.76 -20.49
N ASP B 102 20.00 6.87 -20.51
CA ASP B 102 20.97 6.82 -21.59
C ASP B 102 20.76 5.59 -22.48
N ARG B 103 19.90 5.73 -23.49
CA ARG B 103 19.59 4.66 -24.43
C ARG B 103 20.75 4.19 -25.24
N LEU B 104 21.56 5.12 -25.72
CA LEU B 104 22.70 4.78 -26.60
C LEU B 104 23.70 3.85 -25.95
N ARG B 105 23.97 4.07 -24.66
CA ARG B 105 24.95 3.27 -23.97
C ARG B 105 24.46 1.90 -23.49
N MET B 106 23.18 1.62 -23.71
CA MET B 106 22.59 0.34 -23.34
C MET B 106 23.27 -0.77 -24.08
N VAL B 107 23.62 -0.51 -25.35
CA VAL B 107 24.39 -1.47 -26.16
CA VAL B 107 24.34 -1.52 -26.12
C VAL B 107 25.72 -1.78 -25.48
N VAL B 108 26.34 -0.75 -24.92
CA VAL B 108 27.66 -0.89 -24.27
C VAL B 108 27.49 -1.65 -22.93
N ALA B 109 26.47 -1.28 -22.17
CA ALA B 109 26.15 -1.99 -20.93
C ALA B 109 25.85 -3.47 -21.21
N LYS B 110 25.10 -3.76 -22.26
CA LYS B 110 24.84 -5.15 -22.67
C LYS B 110 26.14 -5.95 -22.93
N GLU B 111 27.08 -5.34 -23.68
CA GLU B 111 28.39 -5.97 -23.98
C GLU B 111 29.13 -6.35 -22.70
N GLU B 112 29.19 -5.42 -21.76
CA GLU B 112 29.84 -5.69 -20.49
C GLU B 112 29.12 -6.73 -19.68
N LEU B 113 27.79 -6.74 -19.72
CA LEU B 113 27.02 -7.75 -18.96
C LEU B 113 27.29 -9.15 -19.51
N ASP B 114 27.29 -9.28 -20.82
CA ASP B 114 27.55 -10.57 -21.52
C ASP B 114 28.97 -11.11 -21.29
N THR B 115 29.94 -10.20 -21.29
CA THR B 115 31.32 -10.54 -20.98
C THR B 115 31.43 -11.00 -19.54
N LEU B 116 30.73 -10.31 -18.62
CA LEU B 116 30.67 -10.69 -17.20
C LEU B 116 30.04 -12.04 -17.04
N LEU B 117 28.84 -12.18 -17.62
CA LEU B 117 28.07 -13.43 -17.47
C LEU B 117 28.79 -14.66 -18.05
N ASN B 118 29.61 -14.46 -19.09
CA ASN B 118 30.38 -15.58 -19.69
C ASN B 118 31.74 -15.86 -19.00
N HIS B 119 32.24 -14.92 -18.21
CA HIS B 119 33.56 -15.05 -17.55
C HIS B 119 33.71 -16.38 -16.76
N PRO B 120 34.89 -17.04 -16.84
CA PRO B 120 35.13 -18.33 -16.14
C PRO B 120 34.80 -18.36 -14.64
N ASP B 121 34.95 -17.22 -13.96
CA ASP B 121 34.71 -17.16 -12.51
C ASP B 121 33.25 -16.80 -12.16
N ILE B 122 32.43 -16.55 -13.18
CA ILE B 122 30.98 -16.18 -13.03
C ILE B 122 30.08 -17.26 -13.66
N LYS B 123 30.50 -17.77 -14.83
CA LYS B 123 29.65 -18.59 -15.72
C LYS B 123 28.95 -19.81 -15.05
N HIS B 124 29.62 -20.45 -14.11
CA HIS B 124 29.14 -21.73 -13.56
C HIS B 124 28.71 -21.66 -12.10
N ARG B 125 28.34 -20.46 -11.65
CA ARG B 125 27.86 -20.25 -10.28
C ARG B 125 26.50 -19.54 -10.32
N ARG B 126 25.67 -19.83 -9.32
CA ARG B 126 24.31 -19.30 -9.26
CA ARG B 126 24.31 -19.30 -9.26
C ARG B 126 24.25 -18.05 -8.36
N ILE B 127 25.11 -17.09 -8.65
CA ILE B 127 25.08 -15.85 -7.87
C ILE B 127 23.94 -14.95 -8.37
N PRO B 128 23.13 -14.40 -7.45
CA PRO B 128 22.04 -13.52 -7.82
C PRO B 128 22.53 -12.16 -8.33
N ILE B 129 21.84 -11.65 -9.35
CA ILE B 129 22.11 -10.33 -9.92
C ILE B 129 20.91 -9.45 -9.72
N LEU B 130 21.08 -8.43 -8.91
CA LEU B 130 20.12 -7.35 -8.83
C LEU B 130 20.47 -6.25 -9.85
N PHE B 131 19.50 -5.89 -10.71
CA PHE B 131 19.70 -4.83 -11.69
C PHE B 131 18.93 -3.65 -11.21
N PHE B 132 19.51 -2.46 -11.30
CA PHE B 132 18.81 -1.23 -11.00
C PHE B 132 18.76 -0.47 -12.28
N ALA B 133 17.54 -0.16 -12.72
CA ALA B 133 17.33 0.76 -13.82
C ALA B 133 17.23 2.14 -13.21
N ASN B 134 18.39 2.80 -13.06
CA ASN B 134 18.54 3.96 -12.20
C ASN B 134 18.27 5.26 -12.98
N LYS B 135 18.17 6.38 -12.27
CA LYS B 135 17.91 7.67 -12.88
C LYS B 135 16.54 7.68 -13.54
N MET B 136 15.60 6.92 -12.97
CA MET B 136 14.22 6.91 -13.42
C MET B 136 13.58 8.32 -13.43
N ASP B 137 14.09 9.23 -12.60
CA ASP B 137 13.55 10.58 -12.52
C ASP B 137 13.88 11.49 -13.73
N LEU B 138 14.80 11.07 -14.59
CA LEU B 138 15.25 11.96 -15.65
C LEU B 138 14.29 11.90 -16.83
N ARG B 139 14.26 12.99 -17.60
CA ARG B 139 13.50 13.06 -18.85
C ARG B 139 13.97 11.93 -19.76
N ASP B 140 13.03 11.24 -20.39
CA ASP B 140 13.33 10.19 -21.37
C ASP B 140 13.78 8.86 -20.73
N ALA B 141 13.65 8.72 -19.41
CA ALA B 141 14.04 7.49 -18.75
C ALA B 141 13.28 6.29 -19.29
N VAL B 142 14.04 5.32 -19.79
CA VAL B 142 13.53 4.05 -20.24
C VAL B 142 12.92 3.33 -19.02
N THR B 143 11.83 2.59 -19.24
CA THR B 143 11.16 1.85 -18.16
C THR B 143 11.99 0.62 -17.79
N SER B 144 11.74 0.05 -16.62
CA SER B 144 12.48 -1.14 -16.19
C SER B 144 12.24 -2.33 -17.12
N VAL B 145 11.00 -2.47 -17.62
CA VAL B 145 10.67 -3.54 -18.59
C VAL B 145 11.48 -3.42 -19.87
N LYS B 146 11.61 -2.21 -20.37
CA LYS B 146 12.34 -1.96 -21.63
C LYS B 146 13.86 -2.16 -21.46
N VAL B 147 14.40 -1.66 -20.35
CA VAL B 147 15.81 -1.91 -19.99
C VAL B 147 16.03 -3.40 -20.04
N SER B 148 15.13 -4.14 -19.41
CA SER B 148 15.23 -5.61 -19.33
C SER B 148 15.15 -6.30 -20.71
N GLN B 149 14.31 -5.78 -21.59
CA GLN B 149 14.26 -6.27 -22.98
C GLN B 149 15.57 -5.97 -23.72
N LEU B 150 16.01 -4.72 -23.65
CA LEU B 150 17.23 -4.25 -24.35
C LEU B 150 18.50 -5.03 -23.96
N LEU B 151 18.60 -5.43 -22.69
CA LEU B 151 19.74 -6.16 -22.17
C LEU B 151 19.53 -7.65 -22.27
N CYS B 152 18.33 -8.06 -22.72
CA CYS B 152 17.96 -9.48 -22.87
C CYS B 152 18.08 -10.25 -21.59
N LEU B 153 17.62 -9.64 -20.49
CA LEU B 153 17.76 -10.25 -19.16
C LEU B 153 17.05 -11.60 -19.03
N GLU B 154 15.96 -11.80 -19.81
CA GLU B 154 15.24 -13.09 -19.85
C GLU B 154 16.09 -14.27 -20.37
N ASN B 155 17.19 -13.98 -21.09
CA ASN B 155 18.10 -15.04 -21.54
C ASN B 155 19.01 -15.54 -20.42
N ILE B 156 18.98 -14.86 -19.26
CA ILE B 156 19.64 -15.33 -18.05
C ILE B 156 18.75 -16.38 -17.39
N LYS B 157 19.18 -17.64 -17.42
CA LYS B 157 18.31 -18.74 -16.95
C LYS B 157 18.86 -19.52 -15.75
N ASP B 158 20.19 -19.60 -15.62
CA ASP B 158 20.83 -20.34 -14.50
C ASP B 158 21.29 -19.46 -13.32
N LYS B 159 20.76 -18.24 -13.23
CA LYS B 159 21.00 -17.36 -12.06
C LYS B 159 19.70 -16.66 -11.70
N PRO B 160 19.44 -16.51 -10.41
CA PRO B 160 18.31 -15.63 -10.09
C PRO B 160 18.65 -14.15 -10.45
N TRP B 161 17.67 -13.42 -10.98
CA TRP B 161 17.82 -11.99 -11.29
C TRP B 161 16.55 -11.25 -11.11
N HIS B 162 16.66 -9.96 -10.82
CA HIS B 162 15.53 -9.07 -10.64
C HIS B 162 15.96 -7.68 -11.03
N ILE B 163 15.03 -6.92 -11.57
CA ILE B 163 15.28 -5.54 -11.91
C ILE B 163 14.29 -4.65 -11.20
N CYS B 164 14.81 -3.53 -10.69
CA CYS B 164 14.04 -2.45 -10.10
C CYS B 164 14.37 -1.13 -10.75
N ALA B 165 13.35 -0.33 -11.04
CA ALA B 165 13.58 1.09 -11.32
C ALA B 165 14.00 1.84 -10.05
N SER B 166 14.86 2.84 -10.19
CA SER B 166 15.31 3.57 -9.04
C SER B 166 15.64 5.00 -9.36
N ASP B 167 15.45 5.86 -8.35
CA ASP B 167 15.87 7.22 -8.29
C ASP B 167 16.80 7.22 -7.06
N ALA B 168 18.11 7.18 -7.28
CA ALA B 168 19.08 7.00 -6.18
C ALA B 168 19.22 8.25 -5.31
N ILE B 169 18.81 9.38 -5.86
CA ILE B 169 18.87 10.64 -5.13
C ILE B 169 17.76 10.73 -4.07
N LYS B 170 16.54 10.31 -4.43
CA LYS B 170 15.42 10.22 -3.46
C LYS B 170 15.38 8.86 -2.73
N GLY B 171 15.99 7.84 -3.30
CA GLY B 171 16.08 6.56 -2.66
C GLY B 171 15.00 5.61 -3.04
N GLU B 172 14.18 5.98 -4.03
CA GLU B 172 13.05 5.17 -4.42
C GLU B 172 13.51 3.93 -5.16
N GLY B 173 13.00 2.78 -4.75
CA GLY B 173 13.23 1.52 -5.40
C GLY B 173 14.39 0.74 -4.83
N LEU B 174 15.23 1.42 -4.06
CA LEU B 174 16.46 0.78 -3.56
C LEU B 174 16.17 -0.32 -2.52
N GLN B 175 15.31 -0.02 -1.55
CA GLN B 175 15.00 -1.02 -0.50
C GLN B 175 14.38 -2.27 -1.09
N GLU B 176 13.52 -2.12 -2.09
CA GLU B 176 12.96 -3.30 -2.76
C GLU B 176 13.98 -4.24 -3.32
N GLY B 177 14.95 -3.71 -4.07
CA GLY B 177 15.96 -4.55 -4.66
C GLY B 177 16.81 -5.22 -3.62
N VAL B 178 17.19 -4.45 -2.60
CA VAL B 178 18.05 -4.93 -1.50
C VAL B 178 17.36 -6.04 -0.73
N ASP B 179 16.05 -5.87 -0.44
CA ASP B 179 15.29 -6.97 0.25
C ASP B 179 15.18 -8.18 -0.62
N TRP B 180 14.97 -8.00 -1.93
CA TRP B 180 15.00 -9.14 -2.86
C TRP B 180 16.34 -9.90 -2.83
N LEU B 181 17.42 -9.14 -2.93
CA LEU B 181 18.79 -9.70 -2.90
C LEU B 181 19.08 -10.37 -1.55
N GLN B 182 18.73 -9.72 -0.44
CA GLN B 182 18.92 -10.34 0.89
C GLN B 182 18.23 -11.71 0.95
N ASP B 183 17.02 -11.75 0.41
CA ASP B 183 16.19 -12.93 0.43
C ASP B 183 16.80 -14.03 -0.42
N GLN B 184 17.37 -13.69 -1.58
CA GLN B 184 18.08 -14.69 -2.42
C GLN B 184 19.34 -15.25 -1.73
N ILE B 185 20.02 -14.42 -0.97
CA ILE B 185 21.27 -14.83 -0.33
C ILE B 185 20.99 -15.86 0.79
N GLN B 186 19.92 -15.62 1.56
CA GLN B 186 19.49 -16.50 2.64
C GLN B 186 18.78 -17.75 2.11
N GLU C 21 -26.21 28.97 14.14
CA GLU C 21 -25.59 28.62 15.48
C GLU C 21 -24.36 27.64 15.39
N VAL C 22 -24.51 26.37 15.80
CA VAL C 22 -23.34 25.51 16.16
C VAL C 22 -22.75 24.67 15.01
N HIS C 23 -21.42 24.77 14.86
CA HIS C 23 -20.67 24.07 13.83
C HIS C 23 -19.99 22.84 14.45
N VAL C 24 -20.38 21.64 13.98
CA VAL C 24 -19.92 20.36 14.53
C VAL C 24 -19.22 19.53 13.48
N LEU C 25 -18.22 18.78 13.89
CA LEU C 25 -17.55 17.81 13.02
C LEU C 25 -18.03 16.43 13.39
N CYS C 26 -18.49 15.66 12.38
CA CYS C 26 -18.86 14.25 12.56
C CYS C 26 -17.75 13.41 11.95
N LEU C 27 -17.02 12.72 12.84
CA LEU C 27 -15.85 11.96 12.50
C LEU C 27 -16.00 10.51 12.95
N GLY C 28 -15.17 9.67 12.36
CA GLY C 28 -15.12 8.26 12.68
C GLY C 28 -14.87 7.50 11.41
N LEU C 29 -14.62 6.21 11.54
CA LEU C 29 -14.24 5.39 10.38
C LEU C 29 -15.43 5.17 9.47
N ASP C 30 -15.16 4.85 8.23
CA ASP C 30 -16.20 4.49 7.30
C ASP C 30 -16.98 3.28 7.87
N ASN C 31 -18.25 3.24 7.53
CA ASN C 31 -19.15 2.19 7.98
C ASN C 31 -19.50 2.22 9.47
N SER C 32 -19.16 3.32 10.17
CA SER C 32 -19.52 3.43 11.57
C SER C 32 -21.00 3.86 11.78
N GLY C 33 -21.60 4.49 10.76
CA GLY C 33 -22.98 5.01 10.87
C GLY C 33 -23.12 6.52 11.00
N LYS C 34 -22.08 7.27 10.65
CA LYS C 34 -22.08 8.74 10.80
C LYS C 34 -23.27 9.44 10.10
N THR C 35 -23.41 9.20 8.81
CA THR C 35 -24.44 9.84 8.00
C THR C 35 -25.83 9.37 8.39
N THR C 36 -25.95 8.09 8.75
CA THR C 36 -27.20 7.52 9.28
C THR C 36 -27.63 8.24 10.57
N ILE C 37 -26.68 8.42 11.49
CA ILE C 37 -26.96 9.14 12.71
C ILE C 37 -27.47 10.57 12.43
N ILE C 38 -26.70 11.37 11.69
CA ILE C 38 -27.05 12.80 11.44
C ILE C 38 -28.43 12.90 10.76
N ASN C 39 -28.65 12.05 9.77
CA ASN C 39 -29.91 11.94 9.06
C ASN C 39 -31.12 11.60 9.93
N LYS C 40 -30.91 10.71 10.91
CA LYS C 40 -31.96 10.30 11.82
C LYS C 40 -32.27 11.42 12.84
N LEU C 41 -31.33 12.36 13.01
CA LEU C 41 -31.57 13.56 13.84
C LEU C 41 -32.43 14.63 13.10
N LYS C 42 -32.60 14.47 11.79
CA LYS C 42 -33.43 15.39 11.00
C LYS C 42 -34.91 15.02 11.14
N PRO C 43 -35.83 15.93 10.74
CA PRO C 43 -37.26 15.59 10.71
C PRO C 43 -37.56 14.56 9.60
N SER C 44 -38.57 13.72 9.83
CA SER C 44 -38.89 12.58 8.95
C SER C 44 -38.89 12.89 7.45
N ASN C 45 -39.47 14.05 7.09
CA ASN C 45 -39.55 14.48 5.67
C ASN C 45 -38.22 14.92 5.08
N ALA C 46 -37.28 15.31 5.94
CA ALA C 46 -35.90 15.71 5.51
C ALA C 46 -34.92 14.51 5.37
N GLN C 47 -35.31 13.34 5.88
CA GLN C 47 -34.37 12.19 6.01
C GLN C 47 -34.09 11.45 4.69
N SER C 48 -32.81 11.29 4.36
CA SER C 48 -32.39 10.53 3.19
C SER C 48 -32.78 9.06 3.32
N GLN C 49 -33.28 8.48 2.22
CA GLN C 49 -33.65 7.05 2.16
C GLN C 49 -32.72 6.28 1.20
N ASN C 50 -31.58 6.87 0.84
CA ASN C 50 -30.52 6.17 0.10
C ASN C 50 -29.16 6.64 0.60
N ILE C 51 -28.80 6.22 1.81
CA ILE C 51 -27.53 6.67 2.41
C ILE C 51 -26.38 5.81 1.91
N LEU C 52 -25.52 6.45 1.14
CA LEU C 52 -24.36 5.79 0.54
C LEU C 52 -23.08 6.32 1.20
N PRO C 53 -21.96 5.63 0.98
CA PRO C 53 -20.67 6.09 1.51
C PRO C 53 -20.40 7.54 1.11
N THR C 54 -20.07 8.38 2.07
CA THR C 54 -19.84 9.79 1.82
C THR C 54 -18.57 10.00 1.00
N ILE C 55 -18.68 10.78 -0.07
CA ILE C 55 -17.52 11.13 -0.90
C ILE C 55 -16.98 12.51 -0.46
N GLY C 56 -15.81 12.49 0.13
CA GLY C 56 -15.22 13.68 0.71
C GLY C 56 -15.93 14.05 1.98
N PHE C 57 -16.85 14.98 1.87
CA PHE C 57 -17.69 15.36 2.99
C PHE C 57 -18.95 16.03 2.46
N SER C 58 -19.99 16.02 3.30
CA SER C 58 -21.17 16.82 3.05
C SER C 58 -21.47 17.64 4.24
N ILE C 59 -22.16 18.76 4.03
CA ILE C 59 -22.69 19.53 5.14
C ILE C 59 -24.17 19.21 5.31
N GLU C 60 -24.54 18.92 6.55
CA GLU C 60 -25.89 18.56 6.92
C GLU C 60 -26.35 19.48 8.05
N LYS C 61 -27.64 19.69 8.15
CA LYS C 61 -28.21 20.55 9.19
C LYS C 61 -29.32 19.83 9.94
N PHE C 62 -29.30 19.95 11.26
CA PHE C 62 -30.42 19.50 12.10
C PHE C 62 -30.56 20.43 13.29
N LYS C 63 -31.71 20.38 13.96
CA LYS C 63 -31.96 21.21 15.14
C LYS C 63 -32.26 20.37 16.38
N SER C 64 -31.67 20.77 17.52
CA SER C 64 -32.01 20.19 18.82
C SER C 64 -33.19 21.01 19.43
N SER C 65 -33.42 20.87 20.73
CA SER C 65 -34.45 21.67 21.44
C SER C 65 -34.18 23.16 21.26
N SER C 66 -33.03 23.62 21.77
CA SER C 66 -32.64 25.03 21.74
C SER C 66 -31.75 25.42 20.54
N LEU C 67 -30.92 24.49 20.03
CA LEU C 67 -29.83 24.84 19.10
C LEU C 67 -30.03 24.43 17.64
N SER C 68 -29.34 25.16 16.76
CA SER C 68 -29.30 24.85 15.35
C SER C 68 -27.89 24.35 15.03
N PHE C 69 -27.80 23.18 14.37
CA PHE C 69 -26.51 22.55 14.12
C PHE C 69 -26.21 22.47 12.65
N THR C 70 -24.98 22.83 12.29
CA THR C 70 -24.42 22.58 10.96
C THR C 70 -23.29 21.57 11.14
N VAL C 71 -23.40 20.43 10.46
CA VAL C 71 -22.50 19.32 10.64
C VAL C 71 -21.69 19.07 9.39
N PHE C 72 -20.37 19.09 9.58
CA PHE C 72 -19.44 18.68 8.55
C PHE C 72 -19.37 17.17 8.67
N ASP C 73 -20.14 16.51 7.83
CA ASP C 73 -20.25 15.05 7.86
C ASP C 73 -19.19 14.50 6.94
N MET C 74 -18.08 14.10 7.53
CA MET C 74 -16.90 13.74 6.77
C MET C 74 -16.98 12.28 6.33
N SER C 75 -16.40 11.99 5.19
CA SER C 75 -16.07 10.60 4.85
C SER C 75 -15.06 10.03 5.87
N GLY C 76 -15.33 8.80 6.31
CA GLY C 76 -14.41 8.09 7.17
C GLY C 76 -13.49 7.14 6.43
N GLN C 77 -13.60 7.08 5.11
CA GLN C 77 -12.73 6.27 4.28
C GLN C 77 -11.28 6.77 4.34
N GLY C 78 -10.35 5.82 4.33
CA GLY C 78 -8.93 6.14 4.37
C GLY C 78 -8.55 7.11 3.28
N ARG C 79 -9.14 6.96 2.10
CA ARG C 79 -8.86 7.85 0.98
C ARG C 79 -9.09 9.34 1.28
N TYR C 80 -10.05 9.64 2.17
CA TYR C 80 -10.53 11.03 2.37
C TYR C 80 -10.26 11.55 3.77
N ARG C 81 -9.50 10.80 4.56
CA ARG C 81 -9.31 11.17 5.95
C ARG C 81 -8.40 12.41 6.09
N ASN C 82 -7.55 12.64 5.08
CA ASN C 82 -6.73 13.86 4.99
C ASN C 82 -7.56 15.15 5.12
N LEU C 83 -8.81 15.09 4.67
CA LEU C 83 -9.72 16.22 4.71
C LEU C 83 -10.20 16.60 6.09
N TRP C 84 -10.17 15.67 7.04
CA TRP C 84 -10.72 15.95 8.38
C TRP C 84 -10.13 17.25 8.97
N GLU C 85 -8.80 17.32 8.98
CA GLU C 85 -8.08 18.45 9.61
C GLU C 85 -8.35 19.82 8.99
N HIS C 86 -8.73 19.85 7.71
CA HIS C 86 -9.11 21.10 7.04
C HIS C 86 -10.23 21.87 7.76
N TYR C 87 -11.04 21.17 8.58
CA TYR C 87 -12.20 21.78 9.27
C TYR C 87 -12.09 21.71 10.79
N TYR C 88 -10.91 21.41 11.31
CA TYR C 88 -10.68 21.33 12.76
C TYR C 88 -10.83 22.68 13.50
N LYS C 89 -10.61 23.78 12.79
CA LYS C 89 -10.75 25.13 13.37
C LYS C 89 -12.20 25.61 13.41
N GLU C 90 -12.97 25.29 12.38
CA GLU C 90 -14.41 25.59 12.37
C GLU C 90 -15.19 24.82 13.44
N GLY C 91 -14.64 23.68 13.87
CA GLY C 91 -15.36 22.76 14.75
C GLY C 91 -15.48 23.24 16.19
N GLN C 92 -16.70 23.48 16.63
CA GLN C 92 -16.99 23.91 18.00
C GLN C 92 -17.30 22.70 18.89
N ALA C 93 -17.43 21.52 18.27
CA ALA C 93 -17.69 20.26 18.97
C ALA C 93 -17.47 19.08 18.01
N ILE C 94 -17.30 17.88 18.56
CA ILE C 94 -17.10 16.67 17.75
C ILE C 94 -18.14 15.62 18.11
N ILE C 95 -18.69 14.98 17.09
CA ILE C 95 -19.43 13.73 17.25
C ILE C 95 -18.55 12.65 16.63
N PHE C 96 -18.09 11.72 17.46
CA PHE C 96 -17.17 10.70 17.02
C PHE C 96 -17.85 9.34 17.10
N VAL C 97 -18.03 8.70 15.95
CA VAL C 97 -18.86 7.51 15.85
C VAL C 97 -17.97 6.26 15.68
N ILE C 98 -18.33 5.21 16.41
CA ILE C 98 -17.62 3.95 16.43
C ILE C 98 -18.60 2.83 16.12
N ASP C 99 -18.20 1.90 15.26
CA ASP C 99 -18.94 0.66 15.10
C ASP C 99 -18.64 -0.25 16.30
N SER C 100 -19.63 -0.37 17.21
CA SER C 100 -19.51 -1.18 18.45
C SER C 100 -19.31 -2.66 18.21
N SER C 101 -19.74 -3.12 17.06
CA SER C 101 -19.72 -4.53 16.72
C SER C 101 -18.39 -5.00 16.06
N ASP C 102 -17.41 -4.10 15.91
CA ASP C 102 -16.18 -4.35 15.15
C ASP C 102 -14.97 -4.05 16.00
N ARG C 103 -14.62 -5.05 16.81
CA ARG C 103 -13.51 -4.98 17.73
C ARG C 103 -12.16 -4.67 17.03
N LEU C 104 -11.90 -5.31 15.88
CA LEU C 104 -10.63 -5.14 15.20
C LEU C 104 -10.45 -3.73 14.70
N ARG C 105 -11.46 -3.21 13.98
CA ARG C 105 -11.38 -1.82 13.47
C ARG C 105 -11.39 -0.77 14.58
N MET C 106 -11.80 -1.16 15.80
CA MET C 106 -11.62 -0.27 16.96
C MET C 106 -10.14 0.09 17.23
N VAL C 107 -9.21 -0.76 16.82
CA VAL C 107 -7.78 -0.49 16.96
C VAL C 107 -7.40 0.64 16.04
N VAL C 108 -7.97 0.63 14.82
CA VAL C 108 -7.71 1.69 13.85
C VAL C 108 -8.39 2.98 14.25
N ALA C 109 -9.63 2.86 14.72
CA ALA C 109 -10.41 3.98 15.26
C ALA C 109 -9.67 4.67 16.41
N LYS C 110 -9.07 3.87 17.31
CA LYS C 110 -8.30 4.42 18.41
C LYS C 110 -7.12 5.26 17.93
N GLU C 111 -6.41 4.77 16.92
CA GLU C 111 -5.27 5.50 16.36
C GLU C 111 -5.69 6.87 15.78
N GLU C 112 -6.78 6.88 15.03
CA GLU C 112 -7.31 8.09 14.45
C GLU C 112 -7.76 9.06 15.53
N LEU C 113 -8.37 8.53 16.59
CA LEU C 113 -8.80 9.34 17.72
C LEU C 113 -7.61 9.99 18.45
N ASP C 114 -6.55 9.22 18.66
CA ASP C 114 -5.33 9.76 19.30
C ASP C 114 -4.67 10.86 18.42
N THR C 115 -4.72 10.66 17.11
CA THR C 115 -4.18 11.64 16.15
C THR C 115 -5.00 12.93 16.12
N LEU C 116 -6.34 12.78 16.21
CA LEU C 116 -7.27 13.92 16.34
C LEU C 116 -7.00 14.71 17.62
N LEU C 117 -7.00 14.02 18.76
CA LEU C 117 -6.91 14.67 20.07
C LEU C 117 -5.62 15.50 20.24
N ASN C 118 -4.53 15.05 19.62
CA ASN C 118 -3.24 15.71 19.73
C ASN C 118 -2.91 16.63 18.55
N HIS C 119 -3.90 16.89 17.70
CA HIS C 119 -3.75 17.86 16.59
C HIS C 119 -3.68 19.33 17.10
N PRO C 120 -2.75 20.15 16.57
CA PRO C 120 -2.60 21.56 17.00
C PRO C 120 -3.92 22.33 17.12
N ASP C 121 -4.73 22.31 16.07
CA ASP C 121 -6.06 22.99 16.05
C ASP C 121 -7.09 22.34 16.97
N ILE C 122 -6.72 21.25 17.64
CA ILE C 122 -7.62 20.50 18.54
C ILE C 122 -7.09 20.46 19.99
N LYS C 123 -5.82 20.08 20.15
CA LYS C 123 -5.20 19.79 21.47
C LYS C 123 -5.29 20.89 22.55
N HIS C 124 -5.29 22.15 22.14
CA HIS C 124 -5.29 23.28 23.11
C HIS C 124 -6.63 24.03 23.21
N ARG C 125 -7.72 23.34 22.83
CA ARG C 125 -9.08 23.88 22.98
C ARG C 125 -9.93 22.89 23.76
N ARG C 126 -10.95 23.38 24.45
CA ARG C 126 -11.81 22.54 25.30
C ARG C 126 -13.13 22.22 24.61
N ILE C 127 -13.06 21.77 23.35
CA ILE C 127 -14.29 21.43 22.62
C ILE C 127 -14.87 20.08 23.11
N PRO C 128 -16.21 19.99 23.22
CA PRO C 128 -16.83 18.77 23.70
C PRO C 128 -16.86 17.69 22.61
N ILE C 129 -16.62 16.43 23.02
CA ILE C 129 -16.65 15.27 22.12
C ILE C 129 -17.74 14.30 22.59
N LEU C 130 -18.77 14.16 21.76
CA LEU C 130 -19.81 13.18 21.97
C LEU C 130 -19.41 11.92 21.19
N PHE C 131 -19.29 10.80 21.91
CA PHE C 131 -19.02 9.49 21.31
C PHE C 131 -20.32 8.68 21.20
N PHE C 132 -20.52 8.09 20.02
CA PHE C 132 -21.60 7.13 19.80
C PHE C 132 -21.01 5.73 19.56
N ALA C 133 -21.34 4.81 20.46
CA ALA C 133 -21.02 3.40 20.31
C ALA C 133 -22.15 2.83 19.52
N ASN C 134 -22.09 3.06 18.21
CA ASN C 134 -23.15 2.76 17.30
C ASN C 134 -23.20 1.29 16.96
N LYS C 135 -24.32 0.88 16.36
CA LYS C 135 -24.57 -0.50 15.90
C LYS C 135 -24.72 -1.46 17.11
N MET C 136 -25.32 -0.95 18.17
CA MET C 136 -25.53 -1.71 19.39
C MET C 136 -26.46 -2.91 19.13
N ASP C 137 -27.26 -2.82 18.08
CA ASP C 137 -28.21 -3.87 17.72
C ASP C 137 -27.57 -5.12 17.09
N LEU C 138 -26.30 -5.03 16.72
CA LEU C 138 -25.66 -6.09 15.98
C LEU C 138 -25.14 -7.15 16.94
N ARG C 139 -24.89 -8.32 16.38
CA ARG C 139 -24.57 -9.52 17.20
C ARG C 139 -23.35 -9.28 18.08
N ASP C 140 -22.28 -8.76 17.49
CA ASP C 140 -21.00 -8.63 18.21
C ASP C 140 -20.87 -7.36 19.05
N ALA C 141 -21.92 -6.54 19.08
CA ALA C 141 -21.86 -5.23 19.75
C ALA C 141 -21.38 -5.35 21.17
N VAL C 142 -20.38 -4.57 21.53
CA VAL C 142 -20.02 -4.41 22.93
C VAL C 142 -20.62 -3.10 23.48
N THR C 143 -20.71 -3.03 24.81
CA THR C 143 -21.35 -1.90 25.49
C THR C 143 -20.53 -0.64 25.35
N SER C 144 -21.16 0.49 25.63
CA SER C 144 -20.48 1.78 25.59
C SER C 144 -19.31 1.84 26.59
N VAL C 145 -19.51 1.24 27.79
CA VAL C 145 -18.44 1.17 28.79
C VAL C 145 -17.24 0.40 28.23
N LYS C 146 -17.52 -0.77 27.62
CA LYS C 146 -16.49 -1.56 26.91
C LYS C 146 -15.80 -0.76 25.81
N VAL C 147 -16.58 0.00 25.02
CA VAL C 147 -15.97 0.83 23.97
C VAL C 147 -15.05 1.87 24.61
N SER C 148 -15.53 2.49 25.70
CA SER C 148 -14.72 3.48 26.45
C SER C 148 -13.40 2.89 26.94
N GLN C 149 -13.45 1.64 27.43
CA GLN C 149 -12.26 0.95 27.94
C GLN C 149 -11.27 0.66 26.83
N LEU C 150 -11.77 0.10 25.72
CA LEU C 150 -10.95 -0.21 24.54
C LEU C 150 -10.32 1.05 23.91
N LEU C 151 -11.01 2.18 24.03
CA LEU C 151 -10.55 3.42 23.43
C LEU C 151 -9.72 4.31 24.38
N CYS C 152 -9.73 3.97 25.68
CA CYS C 152 -9.07 4.76 26.75
C CYS C 152 -9.59 6.20 26.75
N LEU C 153 -10.91 6.32 26.70
CA LEU C 153 -11.53 7.64 26.71
C LEU C 153 -11.22 8.36 28.04
N GLU C 154 -10.95 7.58 29.10
CA GLU C 154 -10.61 8.13 30.44
C GLU C 154 -9.39 9.08 30.39
N ASN C 155 -8.46 8.81 29.48
CA ASN C 155 -7.26 9.65 29.31
C ASN C 155 -7.51 11.02 28.68
N ILE C 156 -8.74 11.28 28.23
CA ILE C 156 -9.13 12.60 27.74
C ILE C 156 -9.45 13.46 28.97
N LYS C 157 -8.46 14.26 29.40
CA LYS C 157 -8.51 14.95 30.70
C LYS C 157 -8.97 16.41 30.61
N ASP C 158 -8.56 17.10 29.53
CA ASP C 158 -8.81 18.53 29.36
C ASP C 158 -9.94 18.81 28.34
N LYS C 159 -10.88 17.86 28.19
CA LYS C 159 -12.05 18.02 27.30
C LYS C 159 -13.30 17.32 27.88
N PRO C 160 -14.48 17.95 27.76
CA PRO C 160 -15.70 17.26 28.16
C PRO C 160 -16.07 16.17 27.15
N TRP C 161 -16.44 14.98 27.64
CA TRP C 161 -16.81 13.86 26.75
C TRP C 161 -17.84 12.93 27.35
N HIS C 162 -18.63 12.34 26.46
CA HIS C 162 -19.72 11.47 26.84
C HIS C 162 -19.85 10.37 25.77
N ILE C 163 -20.28 9.18 26.21
CA ILE C 163 -20.55 8.10 25.28
C ILE C 163 -21.93 7.50 25.51
N CYS C 164 -22.63 7.26 24.39
CA CYS C 164 -23.94 6.64 24.36
C CYS C 164 -23.85 5.44 23.44
N ALA C 165 -24.54 4.36 23.81
CA ALA C 165 -24.84 3.28 22.88
C ALA C 165 -25.97 3.76 21.95
N SER C 166 -25.85 3.47 20.65
CA SER C 166 -26.89 3.81 19.70
C SER C 166 -27.18 2.72 18.68
N ASP C 167 -28.44 2.70 18.23
CA ASP C 167 -28.88 2.00 17.06
C ASP C 167 -29.41 3.09 16.13
N ALA C 168 -28.62 3.46 15.13
CA ALA C 168 -28.95 4.60 14.27
C ALA C 168 -30.13 4.33 13.33
N ILE C 169 -30.43 3.04 13.12
CA ILE C 169 -31.59 2.64 12.30
CA ILE C 169 -31.60 2.63 12.30
C ILE C 169 -32.91 2.87 13.05
N LYS C 170 -32.95 2.48 14.32
CA LYS C 170 -34.16 2.63 15.16
C LYS C 170 -34.24 4.02 15.81
N GLY C 171 -33.09 4.63 16.06
CA GLY C 171 -32.99 5.97 16.66
C GLY C 171 -32.57 5.92 18.12
N GLU C 172 -32.39 4.72 18.65
CA GLU C 172 -32.08 4.55 20.07
C GLU C 172 -30.76 5.18 20.47
N GLY C 173 -30.77 5.92 21.58
CA GLY C 173 -29.55 6.55 22.15
C GLY C 173 -29.16 7.90 21.59
N LEU C 174 -29.78 8.30 20.48
CA LEU C 174 -29.35 9.48 19.76
C LEU C 174 -29.74 10.76 20.50
N GLN C 175 -30.92 10.74 21.16
CA GLN C 175 -31.45 11.90 21.92
C GLN C 175 -30.62 12.21 23.14
N GLU C 176 -30.30 11.18 23.92
CA GLU C 176 -29.39 11.33 25.07
C GLU C 176 -28.07 12.00 24.66
N GLY C 177 -27.55 11.63 23.48
CA GLY C 177 -26.31 12.21 22.99
C GLY C 177 -26.49 13.67 22.64
N VAL C 178 -27.54 13.98 21.87
CA VAL C 178 -27.80 15.36 21.45
C VAL C 178 -28.08 16.23 22.69
N ASP C 179 -28.86 15.70 23.64
CA ASP C 179 -29.13 16.41 24.90
C ASP C 179 -27.85 16.80 25.62
N TRP C 180 -26.95 15.83 25.79
CA TRP C 180 -25.65 16.09 26.45
C TRP C 180 -24.87 17.17 25.75
N LEU C 181 -24.71 17.02 24.43
CA LEU C 181 -23.94 17.95 23.64
C LEU C 181 -24.57 19.36 23.67
N GLN C 182 -25.91 19.41 23.72
CA GLN C 182 -26.63 20.70 23.85
C GLN C 182 -26.36 21.40 25.20
N ASP C 183 -26.35 20.63 26.29
CA ASP C 183 -25.98 21.15 27.63
C ASP C 183 -24.57 21.74 27.62
N GLN C 184 -23.67 21.09 26.88
CA GLN C 184 -22.27 21.51 26.81
C GLN C 184 -22.05 22.83 26.10
N ILE C 185 -22.86 23.10 25.06
CA ILE C 185 -22.68 24.28 24.23
C ILE C 185 -23.19 25.53 24.93
N GLN C 186 -24.19 25.33 25.80
CA GLN C 186 -24.80 26.42 26.57
C GLN C 186 -24.12 26.64 27.94
#